data_6BIF
#
_entry.id   6BIF
#
_cell.length_a   99.800
_cell.length_b   99.800
_cell.length_c   99.800
_cell.angle_alpha   90.00
_cell.angle_beta   90.00
_cell.angle_gamma   90.00
#
_symmetry.space_group_name_H-M   'P 21 3'
#
loop_
_entity.id
_entity.type
_entity.pdbx_description
1 polymer 'Purine nucleoside phosphorylase'
2 non-polymer 'DIMETHYL SULFOXIDE'
3 non-polymer 1-(4-amino-2-hydroxyphenyl)ethan-1-one
4 water water
#
_entity_poly.entity_id   1
_entity_poly.type   'polypeptide(L)'
_entity_poly.pdbx_seq_one_letter_code
;MTTPVVANYENASMAADYIKRVSNVLPDIGII(CME)GSGLGKLIEEIEERKVIPYINIPNFPKTTVAGHVGNLVLGSVG
GRKIVAMQGRLHMYEGYSNQEIALPIRVMKLLGVRVLLITNLAGGINRKLKSGDFVLIKGHINFPGLGLNNVLVGPNQDE
FGPRFPDLSNAYDRLLQQLALKIAQENDFQDLVHEGVYAFNGGPTYESPDESNMLLKLGCDVVGMSTVPEVIIACHCGIK
VLAVSLIANNSILDAENDVSINHEKVLAVAEKRADLLQMWFKEIITRLPLD
;
_entity_poly.pdbx_strand_id   A
#
loop_
_chem_comp.id
_chem_comp.type
_chem_comp.name
_chem_comp.formula
DMS non-polymer 'DIMETHYL SULFOXIDE' 'C2 H6 O S'
DSJ non-polymer 1-(4-amino-2-hydroxyphenyl)ethan-1-one 'C8 H9 N O2'
#
# COMPACT_ATOMS: atom_id res chain seq x y z
N VAL A 5 -1.08 22.78 3.26
CA VAL A 5 -1.50 22.64 1.85
C VAL A 5 -2.60 21.55 1.67
N VAL A 6 -3.76 21.96 1.15
CA VAL A 6 -4.89 21.04 0.96
C VAL A 6 -4.69 20.16 -0.29
N ALA A 7 -5.17 18.92 -0.20
CA ALA A 7 -5.11 17.98 -1.33
C ALA A 7 -6.29 18.22 -2.30
N ASN A 8 -6.32 19.45 -2.85
CA ASN A 8 -7.38 19.84 -3.76
C ASN A 8 -6.89 19.75 -5.22
N TYR A 9 -7.84 20.03 -6.11
CA TYR A 9 -7.64 19.94 -7.57
C TYR A 9 -6.50 20.83 -8.05
N GLU A 10 -6.50 22.09 -7.65
CA GLU A 10 -5.49 23.03 -8.14
C GLU A 10 -4.10 22.64 -7.66
N ASN A 11 -3.97 22.23 -6.39
CA ASN A 11 -2.65 21.88 -5.85
C ASN A 11 -2.13 20.58 -6.46
N ALA A 12 -2.98 19.59 -6.62
CA ALA A 12 -2.55 18.36 -7.25
C ALA A 12 -2.17 18.61 -8.71
N SER A 13 -2.89 19.52 -9.38
CA SER A 13 -2.57 19.81 -10.78
C SER A 13 -1.20 20.45 -10.91
N MET A 14 -0.81 21.28 -9.94
CA MET A 14 0.48 21.94 -10.03
C MET A 14 1.62 20.94 -9.88
N ALA A 15 1.45 19.96 -8.99
CA ALA A 15 2.44 18.88 -8.86
C ALA A 15 2.51 18.05 -10.15
N ALA A 16 1.35 17.69 -10.71
CA ALA A 16 1.35 16.88 -11.91
C ALA A 16 2.00 17.60 -13.09
N ASP A 17 1.75 18.91 -13.21
CA ASP A 17 2.43 19.71 -14.23
C ASP A 17 3.95 19.55 -14.18
N TYR A 18 4.54 19.71 -12.99
CA TYR A 18 5.98 19.57 -12.82
C TYR A 18 6.46 18.19 -13.27
N ILE A 19 5.81 17.14 -12.79
CA ILE A 19 6.21 15.77 -13.09
C ILE A 19 6.14 15.52 -14.60
N LYS A 20 5.10 16.03 -15.27
CA LYS A 20 4.98 15.84 -16.72
C LYS A 20 6.14 16.50 -17.46
N ARG A 21 6.55 17.70 -17.04
CA ARG A 21 7.65 18.38 -17.71
C ARG A 21 8.96 17.61 -17.55
N VAL A 22 9.20 17.07 -16.36
CA VAL A 22 10.49 16.48 -16.03
C VAL A 22 10.65 15.07 -16.59
N SER A 23 9.57 14.30 -16.71
CA SER A 23 9.70 12.85 -16.85
C SER A 23 9.37 12.33 -18.23
N ASN A 24 8.35 12.88 -18.88
CA ASN A 24 7.90 12.48 -20.20
C ASN A 24 7.00 11.24 -20.16
N VAL A 25 6.90 10.55 -19.04
CA VAL A 25 6.17 9.30 -18.93
C VAL A 25 4.71 9.60 -18.60
N LEU A 26 3.79 8.94 -19.33
CA LEU A 26 2.36 8.95 -19.02
C LEU A 26 1.96 7.59 -18.42
N PRO A 27 2.00 7.44 -17.11
CA PRO A 27 1.76 6.12 -16.50
C PRO A 27 0.29 5.80 -16.41
N ASP A 28 -0.04 4.51 -16.53
CA ASP A 28 -1.39 4.09 -16.15
C ASP A 28 -1.41 3.09 -14.99
N ILE A 29 -0.28 2.78 -14.38
CA ILE A 29 -0.18 1.90 -13.21
C ILE A 29 0.63 2.61 -12.13
N GLY A 30 0.18 2.52 -10.88
CA GLY A 30 0.93 3.02 -9.74
C GLY A 30 1.31 1.89 -8.82
N ILE A 31 2.44 2.03 -8.13
CA ILE A 31 2.85 1.02 -7.15
C ILE A 31 3.35 1.70 -5.88
N ILE A 32 3.01 1.12 -4.74
CA ILE A 32 3.52 1.53 -3.43
C ILE A 32 4.03 0.29 -2.73
N CME A 33 5.33 0.21 -2.47
CA CME A 33 5.96 -1.00 -1.95
CB CME A 33 7.26 -1.38 -2.67
SG CME A 33 7.10 -1.39 -4.44
SD CME A 33 5.63 -2.86 -4.87
CE CME A 33 6.59 -4.20 -5.48
CZ CME A 33 6.49 -5.43 -4.63
OH CME A 33 6.76 -5.03 -3.29
C CME A 33 6.25 -0.83 -0.46
O CME A 33 6.66 0.22 0.05
HA CME A 33 5.20 -1.84 -2.07
HB2 CME A 33 7.61 -2.38 -2.30
HB3 CME A 33 8.06 -0.61 -2.48
HE2 CME A 33 7.65 -3.80 -5.45
HE3 CME A 33 6.35 -4.45 -6.54
HZ2 CME A 33 7.25 -6.19 -4.95
HZ3 CME A 33 5.47 -5.88 -4.70
HH CME A 33 7.71 -5.14 -3.15
N GLY A 34 6.10 -1.95 0.24
CA GLY A 34 6.38 -2.00 1.67
C GLY A 34 7.85 -2.00 2.07
N SER A 35 8.12 -2.01 3.37
CA SER A 35 9.48 -1.91 3.89
C SER A 35 10.31 -3.10 3.46
N GLY A 36 11.43 -2.83 2.78
CA GLY A 36 12.31 -3.89 2.31
C GLY A 36 11.80 -4.62 1.10
N LEU A 37 10.69 -4.17 0.51
CA LEU A 37 10.07 -4.81 -0.62
C LEU A 37 10.10 -3.94 -1.87
N GLY A 38 11.11 -3.08 -1.97
CA GLY A 38 11.21 -2.14 -3.07
C GLY A 38 12.20 -2.45 -4.18
N LYS A 39 12.76 -3.67 -4.23
CA LYS A 39 13.81 -3.95 -5.22
C LYS A 39 13.32 -3.72 -6.65
N LEU A 40 12.03 -3.99 -6.92
CA LEU A 40 11.49 -3.79 -8.27
C LEU A 40 11.69 -2.37 -8.77
N ILE A 41 11.55 -1.38 -7.89
CA ILE A 41 11.69 0.02 -8.27
C ILE A 41 13.07 0.26 -8.89
N GLU A 42 14.10 -0.44 -8.41
CA GLU A 42 15.43 -0.20 -8.94
C GLU A 42 15.65 -0.81 -10.33
N GLU A 43 14.72 -1.62 -10.82
CA GLU A 43 14.83 -2.20 -12.17
C GLU A 43 13.86 -1.54 -13.16
N ILE A 44 13.24 -0.43 -12.80
CA ILE A 44 12.38 0.28 -13.75
C ILE A 44 13.23 0.78 -14.92
N GLU A 45 12.74 0.57 -16.13
CA GLU A 45 13.50 0.87 -17.34
C GLU A 45 13.33 2.31 -17.77
N GLU A 46 14.39 2.87 -18.35
CA GLU A 46 14.42 4.25 -18.82
C GLU A 46 13.76 5.17 -17.80
N ARG A 47 14.28 5.10 -16.59
CA ARG A 47 13.57 5.65 -15.45
C ARG A 47 14.02 7.07 -15.12
N LYS A 48 13.16 7.77 -14.36
CA LYS A 48 13.41 9.12 -13.90
C LYS A 48 13.08 9.17 -12.42
N VAL A 49 14.04 9.61 -11.60
CA VAL A 49 13.89 9.67 -10.14
C VAL A 49 13.66 11.12 -9.74
N ILE A 50 12.54 11.37 -9.05
CA ILE A 50 12.16 12.74 -8.66
C ILE A 50 12.03 12.81 -7.14
N PRO A 51 12.95 13.45 -6.42
CA PRO A 51 12.77 13.61 -4.96
C PRO A 51 11.50 14.38 -4.62
N TYR A 52 10.78 13.88 -3.60
CA TYR A 52 9.54 14.56 -3.19
C TYR A 52 9.79 16.05 -2.95
N ILE A 53 10.92 16.41 -2.34
CA ILE A 53 11.17 17.78 -1.92
C ILE A 53 11.21 18.72 -3.11
N ASN A 54 11.46 18.20 -4.32
CA ASN A 54 11.53 19.00 -5.53
C ASN A 54 10.15 19.24 -6.18
N ILE A 55 9.10 18.56 -5.74
CA ILE A 55 7.80 18.59 -6.43
C ILE A 55 6.90 19.61 -5.75
N PRO A 56 6.36 20.60 -6.47
CA PRO A 56 5.47 21.57 -5.83
C PRO A 56 4.32 20.89 -5.11
N ASN A 57 4.05 21.37 -3.89
CA ASN A 57 2.96 20.92 -3.02
C ASN A 57 3.08 19.51 -2.45
N PHE A 58 4.17 18.78 -2.72
CA PHE A 58 4.31 17.48 -2.05
C PHE A 58 4.58 17.66 -0.55
N PRO A 59 4.15 16.72 0.28
CA PRO A 59 4.33 16.88 1.72
C PRO A 59 5.81 16.86 2.11
N LYS A 60 6.13 17.67 3.10
CA LYS A 60 7.47 17.71 3.68
C LYS A 60 7.72 16.44 4.52
N THR A 61 8.85 15.76 4.25
CA THR A 61 9.14 14.48 4.89
C THR A 61 10.52 14.48 5.58
N THR A 62 11.12 15.65 5.79
CA THR A 62 12.46 15.72 6.36
C THR A 62 12.49 15.42 7.86
N VAL A 63 11.39 15.60 8.60
CA VAL A 63 11.47 15.27 10.02
C VAL A 63 11.64 13.76 10.19
N ALA A 64 10.86 12.96 9.46
CA ALA A 64 11.01 11.51 9.52
C ALA A 64 12.31 11.05 8.85
N GLY A 65 12.73 11.73 7.78
CA GLY A 65 13.95 11.37 7.07
C GLY A 65 13.76 10.16 6.16
N HIS A 66 14.90 9.60 5.75
CA HIS A 66 14.94 8.42 4.89
C HIS A 66 14.41 8.71 3.48
N VAL A 67 14.44 7.70 2.60
CA VAL A 67 14.21 7.93 1.17
C VAL A 67 12.77 8.36 0.91
N GLY A 68 12.60 9.22 -0.10
CA GLY A 68 11.29 9.69 -0.52
C GLY A 68 11.37 10.21 -1.94
N ASN A 69 11.19 9.32 -2.92
CA ASN A 69 11.26 9.66 -4.34
C ASN A 69 10.00 9.17 -5.06
N LEU A 70 9.64 9.89 -6.12
CA LEU A 70 8.72 9.40 -7.13
C LEU A 70 9.56 8.89 -8.30
N VAL A 71 9.28 7.67 -8.78
CA VAL A 71 10.08 7.05 -9.83
C VAL A 71 9.16 6.64 -10.98
N LEU A 72 9.49 7.04 -12.20
CA LEU A 72 8.67 6.77 -13.37
C LEU A 72 9.48 6.05 -14.44
N GLY A 73 8.83 5.16 -15.18
CA GLY A 73 9.49 4.38 -16.23
C GLY A 73 8.63 3.23 -16.66
N SER A 74 9.30 2.17 -17.18
CA SER A 74 8.63 1.04 -17.81
C SER A 74 8.98 -0.27 -17.13
N VAL A 75 7.96 -1.12 -16.94
CA VAL A 75 8.11 -2.51 -16.49
C VAL A 75 7.24 -3.38 -17.40
N GLY A 76 7.85 -4.43 -17.95
CA GLY A 76 7.12 -5.40 -18.76
C GLY A 76 6.35 -4.78 -19.91
N GLY A 77 6.88 -3.68 -20.45
CA GLY A 77 6.20 -2.96 -21.51
C GLY A 77 5.16 -1.97 -21.03
N ARG A 78 4.97 -1.82 -19.73
CA ARG A 78 3.91 -0.98 -19.18
C ARG A 78 4.51 0.26 -18.53
N LYS A 79 3.77 1.36 -18.57
CA LYS A 79 4.26 2.64 -18.03
C LYS A 79 3.77 2.79 -16.59
N ILE A 80 4.69 2.97 -15.65
CA ILE A 80 4.35 3.00 -14.23
C ILE A 80 4.93 4.23 -13.53
N VAL A 81 4.34 4.53 -12.37
CA VAL A 81 4.86 5.48 -11.39
C VAL A 81 4.86 4.82 -10.01
N ALA A 82 5.98 4.93 -9.28
CA ALA A 82 6.17 4.31 -7.97
C ALA A 82 6.47 5.37 -6.90
N MET A 83 5.89 5.18 -5.71
CA MET A 83 6.34 5.89 -4.51
C MET A 83 7.43 5.07 -3.83
N GLN A 84 8.64 5.62 -3.78
CA GLN A 84 9.79 5.02 -3.11
C GLN A 84 9.93 5.67 -1.74
N GLY A 85 9.42 5.00 -0.72
CA GLY A 85 9.26 5.59 0.61
C GLY A 85 7.82 6.02 0.85
N ARG A 86 6.98 5.14 1.39
CA ARG A 86 5.59 5.56 1.59
C ARG A 86 5.45 6.37 2.87
N LEU A 87 4.37 7.14 2.93
CA LEU A 87 4.03 7.94 4.10
C LEU A 87 3.09 7.16 5.02
N HIS A 88 3.43 7.11 6.30
CA HIS A 88 2.65 6.40 7.32
C HIS A 88 2.00 7.37 8.30
N MET A 89 0.72 7.12 8.65
CA MET A 89 0.02 8.08 9.50
C MET A 89 0.57 8.12 10.94
N TYR A 90 1.25 7.06 11.43
CA TYR A 90 1.85 7.13 12.76
C TYR A 90 2.99 8.15 12.86
N GLU A 91 3.47 8.68 11.76
CA GLU A 91 4.47 9.75 11.79
C GLU A 91 3.85 11.10 12.11
N GLY A 92 2.52 11.22 12.06
CA GLY A 92 1.79 12.45 12.30
C GLY A 92 1.42 13.25 11.06
N TYR A 93 1.62 12.70 9.87
CA TYR A 93 1.12 13.32 8.63
C TYR A 93 -0.39 13.54 8.72
N SER A 94 -0.85 14.64 8.15
CA SER A 94 -2.28 14.93 8.12
C SER A 94 -2.97 14.17 6.98
N ASN A 95 -4.33 14.16 7.02
CA ASN A 95 -5.12 13.59 5.94
C ASN A 95 -4.73 14.19 4.58
N GLN A 96 -4.51 15.50 4.55
CA GLN A 96 -4.18 16.19 3.30
C GLN A 96 -2.82 15.75 2.75
N GLU A 97 -1.84 15.52 3.64
CA GLU A 97 -0.50 15.09 3.20
C GLU A 97 -0.51 13.68 2.63
N ILE A 98 -1.26 12.75 3.25
CA ILE A 98 -1.39 11.39 2.71
C ILE A 98 -2.06 11.38 1.35
N ALA A 99 -3.14 12.17 1.18
CA ALA A 99 -3.98 12.05 -0.01
C ALA A 99 -3.35 12.67 -1.24
N LEU A 100 -2.55 13.74 -1.11
CA LEU A 100 -2.11 14.46 -2.31
C LEU A 100 -1.29 13.62 -3.28
N PRO A 101 -0.30 12.81 -2.87
CA PRO A 101 0.40 11.96 -3.86
C PRO A 101 -0.51 10.99 -4.63
N ILE A 102 -1.57 10.44 -4.00
CA ILE A 102 -2.47 9.54 -4.71
C ILE A 102 -3.30 10.30 -5.74
N ARG A 103 -3.77 11.49 -5.37
CA ARG A 103 -4.53 12.31 -6.30
C ARG A 103 -3.67 12.84 -7.44
N VAL A 104 -2.36 13.04 -7.22
CA VAL A 104 -1.44 13.34 -8.32
C VAL A 104 -1.34 12.13 -9.26
N MET A 105 -1.23 10.92 -8.70
CA MET A 105 -1.27 9.71 -9.53
C MET A 105 -2.50 9.69 -10.44
N LYS A 106 -3.67 10.02 -9.88
CA LYS A 106 -4.88 10.07 -10.68
C LYS A 106 -4.75 11.03 -11.85
N LEU A 107 -4.26 12.25 -11.60
CA LEU A 107 -4.16 13.25 -12.66
C LEU A 107 -3.12 12.89 -13.71
N LEU A 108 -2.13 12.07 -13.36
CA LEU A 108 -1.13 11.58 -14.30
C LEU A 108 -1.67 10.48 -15.20
N GLY A 109 -2.80 9.87 -14.83
CA GLY A 109 -3.43 8.84 -15.65
C GLY A 109 -3.54 7.46 -15.03
N VAL A 110 -3.16 7.31 -13.76
CA VAL A 110 -3.17 6.01 -13.11
C VAL A 110 -4.60 5.48 -13.02
N ARG A 111 -4.77 4.22 -13.48
CA ARG A 111 -6.05 3.51 -13.36
C ARG A 111 -5.99 2.29 -12.43
N VAL A 112 -4.81 1.74 -12.14
CA VAL A 112 -4.62 0.58 -11.27
C VAL A 112 -3.48 0.88 -10.30
N LEU A 113 -3.69 0.63 -9.00
CA LEU A 113 -2.68 0.82 -7.96
C LEU A 113 -2.42 -0.53 -7.28
N LEU A 114 -1.13 -0.92 -7.26
CA LEU A 114 -0.66 -2.16 -6.63
C LEU A 114 0.09 -1.81 -5.35
N ILE A 115 -0.26 -2.48 -4.23
CA ILE A 115 0.27 -2.16 -2.90
C ILE A 115 0.78 -3.41 -2.18
N THR A 116 1.96 -3.30 -1.52
CA THR A 116 2.44 -4.35 -0.61
C THR A 116 2.74 -3.77 0.76
N ASN A 117 2.66 -4.64 1.78
CA ASN A 117 3.05 -4.31 3.15
C ASN A 117 3.50 -5.58 3.87
N LEU A 118 4.14 -5.40 5.05
CA LEU A 118 4.30 -6.47 6.03
C LEU A 118 3.26 -6.30 7.14
N ALA A 119 2.82 -7.44 7.71
CA ALA A 119 1.74 -7.40 8.70
C ALA A 119 1.81 -8.59 9.65
N GLY A 120 1.07 -8.49 10.76
CA GLY A 120 0.98 -9.60 11.70
C GLY A 120 -0.21 -10.50 11.38
N GLY A 121 0.02 -11.81 11.49
CA GLY A 121 -1.04 -12.80 11.30
C GLY A 121 -1.90 -12.98 12.55
N ILE A 122 -3.22 -12.97 12.35
CA ILE A 122 -4.19 -13.25 13.40
C ILE A 122 -4.87 -14.61 13.17
N ASN A 123 -5.34 -14.86 11.95
CA ASN A 123 -5.91 -16.15 11.60
C ASN A 123 -4.91 -17.29 11.88
N ARG A 124 -5.39 -18.36 12.51
CA ARG A 124 -4.47 -19.41 12.90
C ARG A 124 -3.87 -20.18 11.71
N LYS A 125 -4.42 -20.04 10.50
CA LYS A 125 -3.82 -20.68 9.34
C LYS A 125 -2.58 -19.95 8.79
N LEU A 126 -2.20 -18.80 9.34
CA LEU A 126 -1.15 -17.98 8.77
C LEU A 126 0.18 -18.16 9.50
N LYS A 127 1.27 -18.34 8.73
CA LYS A 127 2.63 -18.47 9.24
C LYS A 127 3.52 -17.35 8.69
N SER A 128 4.64 -17.13 9.38
CA SER A 128 5.68 -16.25 8.87
C SER A 128 6.05 -16.66 7.44
N GLY A 129 6.07 -15.68 6.54
CA GLY A 129 6.43 -15.90 5.14
C GLY A 129 5.25 -16.12 4.21
N ASP A 130 4.04 -16.27 4.73
CA ASP A 130 2.88 -16.41 3.86
C ASP A 130 2.49 -15.06 3.24
N PHE A 131 1.74 -15.11 2.14
CA PHE A 131 1.19 -13.94 1.46
C PHE A 131 -0.32 -13.96 1.64
N VAL A 132 -0.93 -12.78 1.85
CA VAL A 132 -2.39 -12.64 1.95
C VAL A 132 -2.89 -11.62 0.93
N LEU A 133 -3.73 -12.07 0.00
CA LEU A 133 -4.48 -11.17 -0.88
C LEU A 133 -5.59 -10.52 -0.05
N ILE A 134 -5.57 -9.20 0.05
CA ILE A 134 -6.54 -8.49 0.92
C ILE A 134 -7.87 -8.36 0.16
N LYS A 135 -8.95 -8.82 0.77
CA LYS A 135 -10.28 -8.79 0.15
C LYS A 135 -11.25 -7.83 0.85
N GLY A 136 -10.82 -7.19 1.95
CA GLY A 136 -11.64 -6.28 2.73
C GLY A 136 -10.84 -5.76 3.91
N HIS A 137 -11.39 -4.77 4.63
CA HIS A 137 -10.66 -4.23 5.78
C HIS A 137 -11.57 -3.82 6.93
N ILE A 138 -10.97 -3.65 8.10
CA ILE A 138 -11.61 -3.09 9.29
C ILE A 138 -10.79 -1.86 9.72
N ASN A 139 -11.37 -0.67 9.60
CA ASN A 139 -10.65 0.60 9.69
C ASN A 139 -10.90 1.20 11.08
N PHE A 140 -10.10 0.82 12.07
CA PHE A 140 -10.36 1.34 13.42
C PHE A 140 -10.23 2.87 13.47
N PRO A 141 -9.22 3.51 12.86
CA PRO A 141 -9.23 4.99 12.85
C PRO A 141 -10.49 5.58 12.22
N GLY A 142 -11.01 5.00 11.13
CA GLY A 142 -12.22 5.51 10.50
C GLY A 142 -13.45 5.46 11.40
N LEU A 143 -13.68 4.32 12.05
CA LEU A 143 -14.78 4.26 13.00
C LEU A 143 -14.63 5.33 14.09
N GLY A 144 -13.38 5.62 14.49
CA GLY A 144 -13.06 6.52 15.61
C GLY A 144 -12.79 7.97 15.28
N LEU A 145 -13.29 8.47 14.12
CA LEU A 145 -13.25 9.90 13.68
C LEU A 145 -11.87 10.35 13.19
N ASN A 146 -10.98 9.40 12.82
CA ASN A 146 -9.70 9.67 12.15
C ASN A 146 -9.63 9.03 10.74
N ASN A 147 -10.77 8.88 10.05
CA ASN A 147 -10.77 8.50 8.64
C ASN A 147 -9.94 9.48 7.82
N VAL A 148 -9.22 8.95 6.80
CA VAL A 148 -8.40 9.78 5.91
C VAL A 148 -9.24 10.79 5.11
N LEU A 149 -10.56 10.59 5.00
CA LEU A 149 -11.42 11.55 4.30
C LEU A 149 -12.11 12.57 5.22
N VAL A 150 -11.84 12.55 6.55
CA VAL A 150 -12.42 13.58 7.41
C VAL A 150 -11.87 14.95 6.97
N GLY A 151 -12.78 15.93 6.79
CA GLY A 151 -12.49 17.23 6.21
C GLY A 151 -13.48 17.58 5.14
N PRO A 152 -13.34 18.74 4.52
CA PRO A 152 -14.17 19.05 3.34
C PRO A 152 -13.97 18.02 2.24
N ASN A 153 -15.05 17.73 1.50
CA ASN A 153 -14.90 16.83 0.34
C ASN A 153 -14.33 17.61 -0.84
N GLN A 154 -13.40 16.97 -1.58
CA GLN A 154 -12.87 17.54 -2.82
C GLN A 154 -13.68 16.92 -3.96
N ASP A 155 -14.74 17.63 -4.35
CA ASP A 155 -15.78 17.08 -5.25
C ASP A 155 -15.22 16.66 -6.61
N GLU A 156 -14.17 17.32 -7.09
CA GLU A 156 -13.63 16.95 -8.41
C GLU A 156 -13.06 15.54 -8.45
N PHE A 157 -12.66 15.00 -7.30
CA PHE A 157 -12.06 13.68 -7.23
C PHE A 157 -13.07 12.57 -6.95
N GLY A 158 -14.14 12.84 -6.19
CA GLY A 158 -15.09 11.79 -5.84
C GLY A 158 -16.21 12.25 -4.92
N PRO A 159 -17.05 11.31 -4.47
CA PRO A 159 -18.25 11.67 -3.71
C PRO A 159 -17.98 11.89 -2.22
N ARG A 160 -18.92 12.63 -1.59
CA ARG A 160 -18.83 12.88 -0.14
C ARG A 160 -18.83 11.58 0.67
N PHE A 161 -19.68 10.61 0.30
CA PHE A 161 -19.82 9.35 1.04
C PHE A 161 -19.50 8.15 0.14
N PRO A 162 -18.25 7.74 0.07
CA PRO A 162 -17.88 6.57 -0.73
C PRO A 162 -18.32 5.24 -0.16
N ASP A 163 -18.64 4.33 -1.09
CA ASP A 163 -18.89 2.92 -0.78
C ASP A 163 -17.63 2.13 -1.11
N LEU A 164 -17.15 1.35 -0.14
CA LEU A 164 -15.89 0.63 -0.23
C LEU A 164 -16.09 -0.86 -0.52
N SER A 165 -17.31 -1.28 -0.87
CA SER A 165 -17.60 -2.71 -0.98
C SER A 165 -16.84 -3.36 -2.13
N ASN A 166 -16.39 -2.59 -3.12
CA ASN A 166 -15.62 -3.12 -4.23
C ASN A 166 -14.23 -2.47 -4.30
N ALA A 167 -13.71 -2.04 -3.15
CA ALA A 167 -12.40 -1.38 -3.10
C ALA A 167 -11.27 -2.30 -3.56
N TYR A 168 -11.36 -3.60 -3.28
CA TYR A 168 -10.31 -4.57 -3.60
C TYR A 168 -10.79 -5.39 -4.80
N ASP A 169 -10.28 -5.08 -5.98
CA ASP A 169 -10.81 -5.67 -7.22
C ASP A 169 -10.70 -7.20 -7.23
N ARG A 170 -11.83 -7.86 -7.54
CA ARG A 170 -11.86 -9.32 -7.53
C ARG A 170 -11.03 -9.93 -8.66
N LEU A 171 -11.11 -9.36 -9.86
CA LEU A 171 -10.36 -9.93 -10.98
C LEU A 171 -8.84 -9.80 -10.79
N LEU A 172 -8.36 -8.73 -10.14
CA LEU A 172 -6.93 -8.61 -9.86
C LEU A 172 -6.47 -9.64 -8.84
N GLN A 173 -7.29 -9.93 -7.84
CA GLN A 173 -6.97 -11.02 -6.92
C GLN A 173 -6.85 -12.35 -7.66
N GLN A 174 -7.77 -12.61 -8.61
CA GLN A 174 -7.75 -13.86 -9.37
C GLN A 174 -6.50 -13.95 -10.24
N LEU A 175 -6.08 -12.84 -10.84
CA LEU A 175 -4.86 -12.86 -11.66
C LEU A 175 -3.63 -13.13 -10.80
N ALA A 176 -3.55 -12.51 -9.63
CA ALA A 176 -2.41 -12.72 -8.76
C ALA A 176 -2.32 -14.20 -8.35
N LEU A 177 -3.46 -14.81 -8.02
CA LEU A 177 -3.46 -16.22 -7.66
C LEU A 177 -3.08 -17.12 -8.84
N LYS A 178 -3.57 -16.79 -10.04
CA LYS A 178 -3.25 -17.59 -11.22
C LYS A 178 -1.74 -17.64 -11.47
N ILE A 179 -1.07 -16.50 -11.31
CA ILE A 179 0.38 -16.44 -11.52
C ILE A 179 1.12 -17.24 -10.45
N ALA A 180 0.64 -17.20 -9.20
CA ALA A 180 1.25 -18.04 -8.16
C ALA A 180 1.13 -19.51 -8.50
N GLN A 181 -0.02 -19.93 -9.02
CA GLN A 181 -0.19 -21.34 -9.44
C GLN A 181 0.75 -21.71 -10.58
N GLU A 182 0.95 -20.80 -11.54
CA GLU A 182 1.82 -21.06 -12.67
C GLU A 182 3.26 -21.31 -12.24
N ASN A 183 3.69 -20.72 -11.13
CA ASN A 183 5.05 -20.83 -10.62
C ASN A 183 5.14 -21.71 -9.38
N ASP A 184 4.05 -22.43 -9.05
CA ASP A 184 4.02 -23.45 -7.99
C ASP A 184 4.37 -22.89 -6.61
N PHE A 185 3.91 -21.67 -6.28
CA PHE A 185 3.98 -21.19 -4.90
C PHE A 185 2.60 -20.83 -4.34
N GLN A 186 1.55 -21.42 -4.91
CA GLN A 186 0.20 -21.15 -4.42
C GLN A 186 0.00 -21.66 -2.99
N ASP A 187 0.83 -22.58 -2.51
CA ASP A 187 0.72 -23.04 -1.13
C ASP A 187 0.99 -21.92 -0.13
N LEU A 188 1.62 -20.83 -0.57
CA LEU A 188 1.89 -19.67 0.27
C LEU A 188 0.80 -18.61 0.25
N VAL A 189 -0.22 -18.73 -0.62
CA VAL A 189 -1.11 -17.61 -0.94
C VAL A 189 -2.49 -17.84 -0.30
N HIS A 190 -2.86 -16.96 0.62
CA HIS A 190 -4.16 -16.95 1.31
C HIS A 190 -4.96 -15.70 0.88
N GLU A 191 -6.21 -15.59 1.35
CA GLU A 191 -6.97 -14.34 1.27
C GLU A 191 -7.44 -13.95 2.66
N GLY A 192 -7.76 -12.67 2.87
CA GLY A 192 -8.15 -12.27 4.22
C GLY A 192 -8.48 -10.79 4.39
N VAL A 193 -9.00 -10.49 5.59
CA VAL A 193 -9.43 -9.14 6.01
C VAL A 193 -8.31 -8.46 6.79
N TYR A 194 -7.94 -7.22 6.40
CA TYR A 194 -6.86 -6.46 7.00
C TYR A 194 -7.42 -5.47 8.03
N ALA A 195 -6.95 -5.58 9.29
CA ALA A 195 -7.25 -4.57 10.31
C ALA A 195 -6.18 -3.48 10.35
N PHE A 196 -6.63 -2.21 10.33
CA PHE A 196 -5.72 -1.04 10.42
C PHE A 196 -5.58 -0.62 11.88
N ASN A 197 -4.38 -0.86 12.46
CA ASN A 197 -3.92 -0.34 13.75
C ASN A 197 -3.11 0.93 13.49
N GLY A 198 -3.56 2.08 13.99
CA GLY A 198 -2.81 3.30 13.73
C GLY A 198 -1.34 3.23 14.09
N GLY A 199 -1.02 2.54 15.17
CA GLY A 199 0.38 2.36 15.55
C GLY A 199 0.98 3.56 16.32
N PRO A 200 2.32 3.61 16.56
CA PRO A 200 3.40 2.73 16.06
C PRO A 200 3.75 1.55 16.97
N THR A 201 3.08 1.39 18.11
CA THR A 201 3.26 0.18 18.91
C THR A 201 2.60 -1.02 18.21
N TYR A 202 3.32 -2.15 18.21
CA TYR A 202 2.72 -3.40 17.72
C TYR A 202 1.50 -3.72 18.57
N GLU A 203 0.54 -4.42 17.96
CA GLU A 203 -0.56 -4.97 18.72
C GLU A 203 -0.07 -5.72 19.97
N SER A 204 -0.67 -5.41 21.11
CA SER A 204 -0.32 -6.08 22.34
C SER A 204 -0.89 -7.50 22.33
N PRO A 205 -0.41 -8.37 23.24
CA PRO A 205 -0.97 -9.72 23.28
C PRO A 205 -2.48 -9.73 23.45
N ASP A 206 -3.01 -8.85 24.32
CA ASP A 206 -4.46 -8.84 24.56
C ASP A 206 -5.23 -8.16 23.42
N GLU A 207 -4.66 -7.14 22.76
CA GLU A 207 -5.26 -6.61 21.54
C GLU A 207 -5.33 -7.69 20.44
N SER A 208 -4.29 -8.53 20.32
CA SER A 208 -4.30 -9.61 19.32
C SER A 208 -5.44 -10.57 19.59
N ASN A 209 -5.61 -10.97 20.85
CA ASN A 209 -6.72 -11.87 21.20
C ASN A 209 -8.08 -11.22 20.86
N MET A 210 -8.22 -9.92 21.10
CA MET A 210 -9.45 -9.23 20.73
C MET A 210 -9.67 -9.28 19.22
N LEU A 211 -8.63 -9.02 18.44
CA LEU A 211 -8.76 -8.99 16.98
C LEU A 211 -9.22 -10.34 16.42
N LEU A 212 -8.81 -11.45 17.03
CA LEU A 212 -9.28 -12.76 16.57
C LEU A 212 -10.79 -12.89 16.74
N LYS A 213 -11.34 -12.40 17.86
CA LYS A 213 -12.78 -12.44 18.11
C LYS A 213 -13.55 -11.61 17.09
N LEU A 214 -12.94 -10.56 16.56
CA LEU A 214 -13.62 -9.59 15.72
C LEU A 214 -13.61 -9.96 14.25
N GLY A 215 -12.95 -11.06 13.89
CA GLY A 215 -12.91 -11.51 12.52
C GLY A 215 -11.79 -10.95 11.68
N CYS A 216 -10.77 -10.36 12.29
CA CYS A 216 -9.61 -9.90 11.53
C CYS A 216 -8.70 -11.08 11.20
N ASP A 217 -8.15 -11.09 9.98
CA ASP A 217 -7.18 -12.10 9.57
C ASP A 217 -5.73 -11.64 9.72
N VAL A 218 -5.45 -10.35 9.48
CA VAL A 218 -4.10 -9.78 9.56
C VAL A 218 -4.26 -8.37 10.15
N VAL A 219 -3.16 -7.82 10.70
CA VAL A 219 -3.17 -6.46 11.27
C VAL A 219 -1.89 -5.72 10.87
N GLY A 220 -2.03 -4.45 10.49
CA GLY A 220 -0.88 -3.62 10.15
C GLY A 220 -1.18 -2.14 10.28
N MET A 221 -0.17 -1.30 9.94
CA MET A 221 -0.20 0.13 10.23
C MET A 221 -0.20 1.01 8.96
N SER A 222 -0.59 0.45 7.81
CA SER A 222 -0.59 1.20 6.54
C SER A 222 -1.78 0.77 5.68
N THR A 223 -1.72 1.19 4.41
CA THR A 223 -2.48 0.64 3.29
C THR A 223 -3.95 1.14 3.25
N VAL A 224 -4.72 1.02 4.34
CA VAL A 224 -6.13 1.45 4.31
C VAL A 224 -6.28 2.92 3.93
N PRO A 225 -5.45 3.86 4.43
CA PRO A 225 -5.59 5.27 3.96
C PRO A 225 -5.42 5.41 2.46
N GLU A 226 -4.37 4.81 1.87
CA GLU A 226 -4.18 4.91 0.41
C GLU A 226 -5.32 4.25 -0.37
N VAL A 227 -5.80 3.09 0.10
CA VAL A 227 -6.89 2.40 -0.58
C VAL A 227 -8.14 3.28 -0.63
N ILE A 228 -8.46 3.96 0.46
CA ILE A 228 -9.68 4.78 0.53
C ILE A 228 -9.56 5.98 -0.41
N ILE A 229 -8.38 6.63 -0.45
CA ILE A 229 -8.19 7.74 -1.40
C ILE A 229 -8.28 7.25 -2.86
N ALA A 230 -7.68 6.10 -3.17
CA ALA A 230 -7.78 5.52 -4.51
C ALA A 230 -9.22 5.15 -4.88
N CYS A 231 -9.95 4.48 -3.96
CA CYS A 231 -11.33 4.11 -4.25
C CYS A 231 -12.22 5.35 -4.48
N HIS A 232 -12.06 6.37 -3.64
CA HIS A 232 -12.77 7.65 -3.78
C HIS A 232 -12.68 8.22 -5.19
N CYS A 233 -11.51 8.14 -5.82
CA CYS A 233 -11.32 8.75 -7.14
C CYS A 233 -11.31 7.72 -8.28
N GLY A 234 -11.80 6.50 -8.03
CA GLY A 234 -12.02 5.53 -9.10
C GLY A 234 -10.83 4.73 -9.59
N ILE A 235 -9.79 4.59 -8.78
CA ILE A 235 -8.62 3.76 -9.11
C ILE A 235 -8.82 2.36 -8.52
N LYS A 236 -8.63 1.33 -9.35
CA LYS A 236 -8.70 -0.07 -8.92
C LYS A 236 -7.46 -0.42 -8.07
N VAL A 237 -7.63 -1.32 -7.10
CA VAL A 237 -6.57 -1.68 -6.15
C VAL A 237 -6.36 -3.19 -6.03
N LEU A 238 -5.08 -3.62 -6.01
CA LEU A 238 -4.63 -4.91 -5.49
C LEU A 238 -3.68 -4.63 -4.33
N ALA A 239 -3.94 -5.24 -3.18
CA ALA A 239 -3.11 -5.10 -1.98
C ALA A 239 -2.72 -6.47 -1.42
N VAL A 240 -1.43 -6.67 -1.09
CA VAL A 240 -0.93 -7.97 -0.64
C VAL A 240 -0.09 -7.76 0.63
N SER A 241 -0.37 -8.54 1.67
CA SER A 241 0.40 -8.54 2.92
C SER A 241 1.35 -9.73 2.96
N LEU A 242 2.59 -9.46 3.40
CA LEU A 242 3.58 -10.49 3.70
C LEU A 242 3.60 -10.65 5.22
N ILE A 243 3.33 -11.87 5.69
CA ILE A 243 3.15 -12.12 7.13
C ILE A 243 4.52 -12.25 7.83
N ALA A 244 4.76 -11.39 8.83
CA ALA A 244 6.02 -11.43 9.57
C ALA A 244 6.03 -12.47 10.69
N ASN A 245 4.87 -12.77 11.27
CA ASN A 245 4.74 -13.53 12.51
C ASN A 245 3.26 -13.83 12.69
N ASN A 246 2.92 -14.81 13.57
CA ASN A 246 1.54 -15.00 13.98
C ASN A 246 1.41 -14.46 15.40
N SER A 247 0.69 -13.34 15.55
CA SER A 247 0.62 -12.66 16.84
C SER A 247 -0.16 -13.45 17.87
N ILE A 248 -1.09 -14.33 17.44
CA ILE A 248 -1.84 -15.14 18.40
C ILE A 248 -0.95 -16.22 18.99
N LEU A 249 -0.18 -16.91 18.14
CA LEU A 249 0.80 -17.85 18.66
C LEU A 249 1.79 -17.15 19.58
N ASP A 250 2.29 -15.98 19.16
CA ASP A 250 3.27 -15.27 19.98
C ASP A 250 2.68 -14.93 21.35
N ALA A 251 1.40 -14.58 21.42
CA ALA A 251 0.79 -14.30 22.73
C ALA A 251 0.75 -15.53 23.60
N GLU A 252 0.46 -16.70 23.03
CA GLU A 252 0.41 -17.94 23.81
C GLU A 252 1.79 -18.37 24.33
N ASN A 253 2.86 -17.97 23.63
CA ASN A 253 4.21 -18.44 23.91
C ASN A 253 5.13 -17.34 24.46
N ASP A 254 4.60 -16.16 24.72
CA ASP A 254 5.37 -14.99 25.20
C ASP A 254 6.59 -14.69 24.34
N VAL A 255 6.35 -14.58 23.02
CA VAL A 255 7.36 -14.24 22.02
C VAL A 255 7.11 -12.82 21.53
N SER A 256 8.19 -12.07 21.33
CA SER A 256 8.08 -10.67 20.94
C SER A 256 8.32 -10.49 19.44
N ILE A 257 7.80 -9.38 18.90
CA ILE A 257 8.04 -8.97 17.52
C ILE A 257 8.81 -7.65 17.56
N ASN A 258 9.69 -7.46 16.57
CA ASN A 258 10.45 -6.22 16.47
C ASN A 258 10.79 -5.97 15.00
N HIS A 259 11.23 -4.73 14.71
CA HIS A 259 11.43 -4.34 13.31
C HIS A 259 12.57 -5.13 12.66
N GLU A 260 13.57 -5.56 13.43
CA GLU A 260 14.63 -6.38 12.85
C GLU A 260 14.08 -7.70 12.33
N LYS A 261 13.17 -8.32 13.08
CA LYS A 261 12.56 -9.57 12.63
C LYS A 261 11.70 -9.33 11.39
N VAL A 262 10.99 -8.20 11.34
CA VAL A 262 10.16 -7.85 10.18
C VAL A 262 11.03 -7.74 8.92
N LEU A 263 12.14 -7.01 9.01
CA LEU A 263 12.99 -6.82 7.84
C LEU A 263 13.68 -8.11 7.41
N ALA A 264 13.96 -9.02 8.34
CA ALA A 264 14.53 -10.31 7.94
C ALA A 264 13.55 -11.15 7.14
N VAL A 265 12.25 -11.10 7.47
CA VAL A 265 11.24 -11.81 6.66
C VAL A 265 11.11 -11.15 5.29
N ALA A 266 11.18 -9.82 5.25
CA ALA A 266 11.16 -9.11 3.96
C ALA A 266 12.31 -9.54 3.07
N GLU A 267 13.53 -9.63 3.61
CA GLU A 267 14.65 -10.05 2.78
C GLU A 267 14.48 -11.50 2.30
N LYS A 268 13.88 -12.35 3.13
CA LYS A 268 13.72 -13.76 2.77
C LYS A 268 12.78 -13.93 1.58
N ARG A 269 11.77 -13.07 1.45
CA ARG A 269 10.75 -13.20 0.41
C ARG A 269 10.84 -12.13 -0.68
N ALA A 270 11.80 -11.20 -0.61
CA ALA A 270 11.80 -10.04 -1.50
C ALA A 270 11.90 -10.44 -2.97
N ASP A 271 12.78 -11.38 -3.31
CA ASP A 271 13.02 -11.68 -4.71
C ASP A 271 11.81 -12.37 -5.36
N LEU A 272 11.14 -13.26 -4.60
CA LEU A 272 9.93 -13.91 -5.10
C LEU A 272 8.81 -12.90 -5.29
N LEU A 273 8.71 -11.93 -4.39
CA LEU A 273 7.68 -10.90 -4.52
C LEU A 273 7.95 -10.00 -5.72
N GLN A 274 9.23 -9.68 -5.95
CA GLN A 274 9.61 -8.92 -7.15
C GLN A 274 9.20 -9.65 -8.43
N MET A 275 9.53 -10.95 -8.53
CA MET A 275 9.16 -11.74 -9.71
C MET A 275 7.65 -11.75 -9.92
N TRP A 276 6.91 -11.99 -8.84
CA TRP A 276 5.44 -12.02 -8.87
C TRP A 276 4.86 -10.72 -9.40
N PHE A 277 5.27 -9.59 -8.82
CA PHE A 277 4.63 -8.32 -9.20
C PHE A 277 5.06 -7.86 -10.58
N LYS A 278 6.27 -8.23 -11.03
CA LYS A 278 6.64 -7.94 -12.42
C LYS A 278 5.68 -8.61 -13.39
N GLU A 279 5.33 -9.89 -13.14
CA GLU A 279 4.43 -10.61 -14.02
C GLU A 279 3.00 -10.06 -13.93
N ILE A 280 2.53 -9.73 -12.71
CA ILE A 280 1.22 -9.09 -12.58
C ILE A 280 1.15 -7.83 -13.45
N ILE A 281 2.16 -6.96 -13.34
CA ILE A 281 2.17 -5.72 -14.14
C ILE A 281 2.10 -6.06 -15.62
N THR A 282 2.91 -7.03 -16.05
CA THR A 282 2.96 -7.42 -17.46
C THR A 282 1.60 -7.90 -17.94
N ARG A 283 0.87 -8.66 -17.11
CA ARG A 283 -0.38 -9.31 -17.49
C ARG A 283 -1.62 -8.45 -17.30
N LEU A 284 -1.52 -7.27 -16.68
CA LEU A 284 -2.71 -6.49 -16.37
C LEU A 284 -3.53 -6.24 -17.62
N PRO A 285 -4.86 -6.45 -17.59
CA PRO A 285 -5.66 -6.28 -18.80
C PRO A 285 -5.37 -4.98 -19.55
S DMS B . -9.50 14.36 2.12
O DMS B . -9.60 15.46 1.11
C1 DMS B . -7.74 14.02 2.28
C2 DMS B . -9.68 15.05 3.78
H11 DMS B . -7.22 14.91 2.53
H12 DMS B . -7.37 13.63 1.38
H13 DMS B . -7.60 13.31 3.06
H21 DMS B . -10.66 15.44 3.89
H22 DMS B . -8.98 15.83 3.93
H23 DMS B . -9.52 14.29 4.51
S DMS C . -16.61 4.96 -4.43
O DMS C . -17.98 5.30 -3.88
C1 DMS C . -16.88 3.47 -5.45
C2 DMS C . -16.19 6.17 -5.70
H11 DMS C . -17.20 2.67 -4.82
H12 DMS C . -15.99 3.21 -5.95
H13 DMS C . -17.64 3.66 -6.17
H21 DMS C . -16.11 7.12 -5.25
H22 DMS C . -16.97 6.19 -6.42
H23 DMS C . -15.29 5.91 -6.17
S DMS D . 4.98 -1.23 5.62
O DMS D . 5.50 -2.55 5.22
C1 DMS D . 5.73 0.15 4.67
C2 DMS D . 3.23 -1.12 5.99
H11 DMS D . 6.76 0.21 4.89
H12 DMS D . 5.25 1.06 4.94
H13 DMS D . 5.61 -0.03 3.64
H21 DMS D . 3.01 -1.70 6.85
H22 DMS D . 2.97 -0.11 6.17
H23 DMS D . 2.67 -1.48 5.17
S DMS E . -14.38 22.34 9.67
O DMS E . -14.20 23.82 9.79
C1 DMS E . -12.90 21.47 9.09
C2 DMS E . -15.74 21.88 8.55
H11 DMS E . -12.68 21.77 8.09
H12 DMS E . -13.07 20.43 9.10
H13 DMS E . -12.09 21.71 9.72
H21 DMS E . -16.63 22.34 8.87
H22 DMS E . -15.51 22.18 7.56
H23 DMS E . -15.87 20.82 8.57
S DMS F . -3.91 -21.52 1.34
O DMS F . -5.32 -21.21 0.95
C1 DMS F . -3.90 -22.77 2.65
C2 DMS F . -3.10 -22.45 0.02
H11 DMS F . -4.35 -22.37 3.53
H12 DMS F . -2.90 -23.05 2.87
H13 DMS F . -4.45 -23.62 2.33
H21 DMS F . -3.03 -21.85 -0.84
H22 DMS F . -3.68 -23.32 -0.20
H23 DMS F . -2.14 -22.76 0.34
S DMS G . -5.04 0.16 -17.24
O DMS G . -6.24 -0.51 -16.66
C1 DMS G . -3.53 -0.70 -16.73
C2 DMS G . -4.97 -0.28 -19.01
H11 DMS G . -3.41 -0.61 -15.68
H12 DMS G . -2.70 -0.28 -17.23
H13 DMS G . -3.61 -1.73 -16.98
H21 DMS G . -5.81 0.13 -19.50
H22 DMS G . -4.98 -1.34 -19.11
H23 DMS G . -4.08 0.11 -19.43
S DMS H . -9.96 13.52 -11.51
O DMS H . -10.14 14.98 -11.23
C1 DMS H . -11.60 12.80 -11.71
C2 DMS H . -9.36 13.34 -13.22
H11 DMS H . -12.13 12.86 -10.79
H12 DMS H . -11.51 11.79 -11.99
H13 DMS H . -12.13 13.33 -12.45
H21 DMS H . -8.40 13.79 -13.31
H22 DMS H . -10.04 13.83 -13.88
H23 DMS H . -9.30 12.32 -13.47
S DMS I . 6.59 16.40 10.83
O DMS I . 5.27 15.85 10.43
C1 DMS I . 7.01 15.80 12.49
C2 DMS I . 6.45 18.18 11.15
H11 DMS I . 6.96 14.74 12.50
H12 DMS I . 6.31 16.18 13.19
H13 DMS I . 7.98 16.12 12.75
H21 DMS I . 5.81 18.34 11.98
H22 DMS I . 6.03 18.66 10.30
H23 DMS I . 7.41 18.59 11.35
C7 DSJ J . 2.73 -4.69 12.02
C4 DSJ J . 4.36 -6.95 11.81
C5 DSJ J . 3.39 -6.89 12.72
C6 DSJ J . 2.51 -5.68 12.81
C3 DSJ J . 4.58 -5.78 10.89
C2 DSJ J . 3.80 -4.70 10.97
C1 DSJ J . 3.98 -3.48 10.10
O DSJ J . 3.29 -2.51 10.24
C DSJ J . 5.07 -3.48 9.03
O1 DSJ J . 1.93 -3.56 12.10
N DSJ J . 3.13 -7.96 13.63
H4 DSJ J . 4.90 -7.71 11.75
H7 DSJ J . 1.84 -5.64 13.45
H3 DSJ J . 5.26 -5.81 10.25
H1 DSJ J . 5.31 -4.39 8.82
H2 DSJ J . 5.83 -3.00 9.34
H DSJ J . 4.72 -3.06 8.22
H8 DSJ J . 1.49 -3.57 12.83
H5 DSJ J . 3.55 -8.71 13.54
H6 DSJ J . 2.56 -7.86 14.26
#